data_4J42
#
_entry.id   4J42
#
_cell.length_a   76.221
_cell.length_b   76.221
_cell.length_c   71.380
_cell.angle_alpha   90.00
_cell.angle_beta   90.00
_cell.angle_gamma   120.00
#
_symmetry.space_group_name_H-M   'P 31 2 1'
#
loop_
_entity.id
_entity.type
_entity.pdbx_description
1 polymer 'secreted protein EsxB'
2 non-polymer 'CITRATE ANION'
3 non-polymer 'FORMIC ACID'
4 water water
#
_entity_poly.entity_id   1
_entity_poly.type   'polypeptide(L)'
_entity_poly.pdbx_seq_one_letter_code
;SNAMAEIKITPEELERIAGNFKNAAGEAQSQINRLEGDINSLEGQWAGATQAKFRGEFIQSKQAMQQFIPILEGISTDLK
RIADKFRNTDNAY
;
_entity_poly.pdbx_strand_id   A,B
#
loop_
_chem_comp.id
_chem_comp.type
_chem_comp.name
_chem_comp.formula
FLC non-polymer 'CITRATE ANION' 'C6 H5 O7 -3'
FMT non-polymer 'FORMIC ACID' 'C H2 O2'
#
# COMPACT_ATOMS: atom_id res chain seq x y z
N LYS A 8 18.69 10.98 -19.53
CA LYS A 8 17.51 11.83 -19.43
C LYS A 8 16.89 11.78 -18.03
N ILE A 9 16.73 10.57 -17.47
CA ILE A 9 16.26 10.43 -16.10
C ILE A 9 17.35 10.88 -15.13
N THR A 10 16.96 11.73 -14.18
CA THR A 10 17.88 12.20 -13.14
C THR A 10 17.44 11.63 -11.80
N PRO A 11 18.34 11.60 -10.80
CA PRO A 11 17.87 11.16 -9.48
C PRO A 11 16.79 12.09 -8.90
N GLU A 12 16.81 13.36 -9.27
CA GLU A 12 15.77 14.29 -8.85
C GLU A 12 14.37 13.87 -9.36
N GLU A 13 14.29 13.45 -10.62
CA GLU A 13 13.04 12.94 -11.16
C GLU A 13 12.60 11.69 -10.39
N LEU A 14 13.55 10.78 -10.15
CA LEU A 14 13.23 9.56 -9.41
C LEU A 14 12.75 9.87 -8.00
N GLU A 15 13.31 10.90 -7.36
CA GLU A 15 12.86 11.31 -6.04
C GLU A 15 11.41 11.76 -6.06
N ARG A 16 11.03 12.56 -7.04
CA ARG A 16 9.64 13.02 -7.11
C ARG A 16 8.69 11.83 -7.31
N ILE A 17 9.09 10.91 -8.18
CA ILE A 17 8.28 9.73 -8.43
C ILE A 17 8.17 8.87 -7.16
N ALA A 18 9.28 8.73 -6.44
CA ALA A 18 9.28 7.95 -5.20
C ALA A 18 8.31 8.55 -4.20
N GLY A 19 8.26 9.88 -4.08
CA GLY A 19 7.31 10.52 -3.20
C GLY A 19 5.87 10.23 -3.59
N ASN A 20 5.60 10.23 -4.90
CA ASN A 20 4.26 9.86 -5.38
C ASN A 20 3.91 8.43 -5.00
N PHE A 21 4.89 7.53 -5.07
CA PHE A 21 4.65 6.16 -4.63
C PHE A 21 4.40 6.11 -3.12
N LYS A 22 5.23 6.78 -2.32
CA LYS A 22 5.02 6.81 -0.88
C LYS A 22 3.60 7.26 -0.55
N ASN A 23 3.13 8.26 -1.28
CA ASN A 23 1.80 8.80 -1.07
C ASN A 23 0.72 7.80 -1.45
N ALA A 24 0.88 7.13 -2.57
CA ALA A 24 -0.10 6.13 -2.98
C ALA A 24 -0.14 4.95 -1.98
N ALA A 25 1.03 4.52 -1.52
CA ALA A 25 1.11 3.43 -0.54
C ALA A 25 0.53 3.89 0.81
N GLY A 26 0.81 5.13 1.19
CA GLY A 26 0.32 5.68 2.44
C GLY A 26 -1.19 5.80 2.44
N GLU A 27 -1.77 6.16 1.31
CA GLU A 27 -3.23 6.22 1.18
C GLU A 27 -3.83 4.83 1.38
N ALA A 28 -3.20 3.81 0.81
CA ALA A 28 -3.65 2.44 1.05
C ALA A 28 -3.55 2.09 2.53
N GLN A 29 -2.43 2.43 3.17
CA GLN A 29 -2.29 2.20 4.60
C GLN A 29 -3.39 2.88 5.39
N SER A 30 -3.75 4.09 4.99
CA SER A 30 -4.78 4.86 5.68
CA SER A 30 -4.78 4.87 5.66
C SER A 30 -6.12 4.15 5.62
N GLN A 31 -6.48 3.66 4.45
CA GLN A 31 -7.78 3.01 4.29
C GLN A 31 -7.84 1.66 4.98
N ILE A 32 -6.73 0.93 5.01
CA ILE A 32 -6.68 -0.31 5.77
C ILE A 32 -6.89 0.00 7.26
N ASN A 33 -6.24 1.04 7.75
CA ASN A 33 -6.38 1.42 9.16
C ASN A 33 -7.80 1.83 9.48
N ARG A 34 -8.45 2.54 8.55
CA ARG A 34 -9.82 2.96 8.74
C ARG A 34 -10.75 1.76 8.78
N LEU A 35 -10.57 0.83 7.84
CA LEU A 35 -11.38 -0.37 7.79
C LEU A 35 -11.16 -1.26 9.03
N GLU A 36 -9.91 -1.42 9.44
CA GLU A 36 -9.63 -2.23 10.62
C GLU A 36 -10.21 -1.60 11.87
N GLY A 37 -10.23 -0.27 11.94
CA GLY A 37 -10.86 0.43 13.05
C GLY A 37 -12.36 0.17 13.09
N ASP A 38 -13.00 0.18 11.92
CA ASP A 38 -14.42 -0.13 11.82
C ASP A 38 -14.69 -1.55 12.31
N ILE A 39 -13.89 -2.49 11.84
CA ILE A 39 -14.00 -3.89 12.26
C ILE A 39 -13.80 -4.03 13.76
N ASN A 40 -12.76 -3.38 14.27
CA ASN A 40 -12.45 -3.45 15.69
C ASN A 40 -13.57 -2.90 16.58
N SER A 41 -14.25 -1.87 16.10
CA SER A 41 -15.33 -1.25 16.86
C SER A 41 -16.48 -2.22 17.08
N LEU A 42 -16.55 -3.27 16.27
CA LEU A 42 -17.60 -4.27 16.41
C LEU A 42 -17.20 -5.48 17.26
N GLU A 43 -15.95 -5.53 17.72
CA GLU A 43 -15.45 -6.68 18.49
C GLU A 43 -16.38 -7.18 19.60
N GLY A 44 -16.81 -6.27 20.48
CA GLY A 44 -17.65 -6.67 21.59
C GLY A 44 -19.12 -6.80 21.26
N GLN A 45 -19.48 -6.52 20.01
CA GLN A 45 -20.87 -6.31 19.63
C GLN A 45 -21.38 -7.24 18.54
N TRP A 46 -20.64 -8.28 18.21
CA TRP A 46 -21.01 -9.12 17.07
C TRP A 46 -22.07 -10.14 17.47
N ALA A 47 -23.31 -9.67 17.55
CA ALA A 47 -24.43 -10.49 17.95
C ALA A 47 -25.70 -9.78 17.53
N GLY A 48 -26.80 -10.52 17.46
CA GLY A 48 -28.09 -9.94 17.17
C GLY A 48 -28.12 -9.12 15.90
N ALA A 49 -28.83 -8.00 15.96
CA ALA A 49 -29.08 -7.16 14.81
C ALA A 49 -27.80 -6.61 14.20
N THR A 50 -26.77 -6.43 15.04
CA THR A 50 -25.49 -5.89 14.57
C THR A 50 -24.83 -6.83 13.56
N GLN A 51 -24.85 -8.13 13.87
CA GLN A 51 -24.36 -9.16 12.94
C GLN A 51 -25.03 -9.05 11.58
N ALA A 52 -26.35 -8.99 11.57
CA ALA A 52 -27.09 -8.97 10.31
C ALA A 52 -26.80 -7.69 9.55
N LYS A 53 -26.73 -6.58 10.29
CA LYS A 53 -26.53 -5.27 9.71
C LYS A 53 -25.22 -5.15 8.95
N PHE A 54 -24.15 -5.74 9.49
CA PHE A 54 -22.83 -5.55 8.93
C PHE A 54 -22.27 -6.77 8.21
N ARG A 55 -23.07 -7.83 8.09
CA ARG A 55 -22.63 -9.06 7.42
C ARG A 55 -22.05 -8.80 6.03
N GLY A 56 -22.76 -7.99 5.24
CA GLY A 56 -22.34 -7.70 3.88
C GLY A 56 -20.98 -7.03 3.85
N GLU A 57 -20.78 -6.05 4.72
CA GLU A 57 -19.50 -5.36 4.78
C GLU A 57 -18.36 -6.30 5.19
N PHE A 58 -18.67 -7.27 6.05
CA PHE A 58 -17.66 -8.25 6.44
C PHE A 58 -17.27 -9.15 5.26
N ILE A 59 -18.26 -9.58 4.47
CA ILE A 59 -17.98 -10.36 3.27
C ILE A 59 -17.11 -9.55 2.30
N GLN A 60 -17.46 -8.28 2.12
CA GLN A 60 -16.71 -7.41 1.22
C GLN A 60 -15.29 -7.25 1.72
N SER A 61 -15.14 -7.03 3.02
CA SER A 61 -13.84 -6.79 3.62
C SER A 61 -12.90 -7.99 3.49
N LYS A 62 -13.43 -9.19 3.74
CA LYS A 62 -12.63 -10.40 3.59
C LYS A 62 -12.14 -10.56 2.15
N GLN A 63 -13.05 -10.41 1.20
CA GLN A 63 -12.71 -10.60 -0.20
C GLN A 63 -11.69 -9.57 -0.68
N ALA A 64 -11.82 -8.32 -0.25
CA ALA A 64 -10.87 -7.28 -0.64
C ALA A 64 -9.50 -7.51 0.01
N MET A 65 -9.48 -7.60 1.33
CA MET A 65 -8.19 -7.70 2.01
C MET A 65 -7.42 -8.95 1.64
N GLN A 66 -8.09 -10.11 1.56
CA GLN A 66 -7.39 -11.33 1.23
C GLN A 66 -6.77 -11.26 -0.16
N GLN A 67 -7.46 -10.61 -1.09
CA GLN A 67 -6.97 -10.52 -2.46
C GLN A 67 -5.88 -9.47 -2.62
N PHE A 68 -5.86 -8.46 -1.75
CA PHE A 68 -4.89 -7.38 -1.93
C PHE A 68 -3.57 -7.65 -1.21
N ILE A 69 -3.58 -8.49 -0.18
CA ILE A 69 -2.35 -8.87 0.49
C ILE A 69 -1.25 -9.34 -0.48
N PRO A 70 -1.54 -10.33 -1.36
CA PRO A 70 -0.46 -10.79 -2.25
C PRO A 70 -0.05 -9.75 -3.28
N ILE A 71 -0.93 -8.83 -3.64
CA ILE A 71 -0.53 -7.77 -4.56
C ILE A 71 0.51 -6.87 -3.89
N LEU A 72 0.26 -6.47 -2.65
CA LEU A 72 1.22 -5.66 -1.91
C LEU A 72 2.52 -6.42 -1.69
N GLU A 73 2.44 -7.72 -1.42
CA GLU A 73 3.65 -8.51 -1.24
C GLU A 73 4.48 -8.56 -2.51
N GLY A 74 3.83 -8.65 -3.67
CA GLY A 74 4.56 -8.64 -4.93
C GLY A 74 5.24 -7.30 -5.14
N ILE A 75 4.56 -6.22 -4.78
CA ILE A 75 5.13 -4.89 -4.92
C ILE A 75 6.35 -4.72 -4.03
N SER A 76 6.23 -5.11 -2.76
CA SER A 76 7.35 -4.94 -1.84
C SER A 76 8.54 -5.80 -2.24
N THR A 77 8.28 -7.01 -2.73
CA THR A 77 9.36 -7.90 -3.15
C THR A 77 10.11 -7.32 -4.35
N ASP A 78 9.36 -6.75 -5.28
CA ASP A 78 9.95 -6.13 -6.47
C ASP A 78 10.84 -4.96 -6.06
N LEU A 79 10.32 -4.07 -5.23
CA LEU A 79 11.11 -2.92 -4.78
C LEU A 79 12.32 -3.35 -3.95
N LYS A 80 12.16 -4.38 -3.14
CA LYS A 80 13.28 -4.89 -2.34
C LYS A 80 14.43 -5.32 -3.25
N ARG A 81 14.10 -6.06 -4.30
CA ARG A 81 15.12 -6.56 -5.22
C ARG A 81 15.80 -5.42 -5.97
N ILE A 82 15.01 -4.43 -6.37
CA ILE A 82 15.54 -3.26 -7.04
C ILE A 82 16.47 -2.47 -6.12
N ALA A 83 16.02 -2.23 -4.87
CA ALA A 83 16.86 -1.55 -3.90
C ALA A 83 18.13 -2.34 -3.57
N ASP A 84 18.00 -3.66 -3.44
CA ASP A 84 19.15 -4.53 -3.14
C ASP A 84 20.25 -4.40 -4.19
N LYS A 85 19.84 -4.28 -5.44
CA LYS A 85 20.78 -4.30 -6.57
C LYS A 85 21.17 -2.89 -6.99
N PHE A 86 20.53 -1.90 -6.40
CA PHE A 86 20.75 -0.51 -6.76
C PHE A 86 22.19 -0.11 -6.50
N ARG A 87 22.93 0.09 -7.57
CA ARG A 87 24.33 0.50 -7.46
C ARG A 87 24.40 2.03 -7.39
N LYS B 8 -20.63 -16.24 8.60
CA LYS B 8 -19.71 -17.01 9.43
C LYS B 8 -18.41 -16.26 9.68
N ILE B 9 -18.21 -15.18 8.93
CA ILE B 9 -17.08 -14.29 9.14
C ILE B 9 -17.27 -13.50 10.44
N THR B 10 -16.23 -13.50 11.28
CA THR B 10 -16.30 -12.81 12.56
C THR B 10 -15.34 -11.62 12.57
N PRO B 11 -15.53 -10.69 13.53
CA PRO B 11 -14.54 -9.61 13.63
C PRO B 11 -13.13 -10.14 13.91
N GLU B 12 -13.02 -11.27 14.62
CA GLU B 12 -11.70 -11.80 14.95
C GLU B 12 -10.92 -12.32 13.72
N GLU B 13 -11.64 -13.01 12.82
CA GLU B 13 -11.03 -13.46 11.58
C GLU B 13 -10.59 -12.27 10.74
N LEU B 14 -11.47 -11.29 10.63
CA LEU B 14 -11.15 -10.10 9.88
C LEU B 14 -9.98 -9.34 10.47
N GLU B 15 -9.86 -9.32 11.80
CA GLU B 15 -8.74 -8.63 12.44
C GLU B 15 -7.42 -9.26 12.04
N ARG B 16 -7.38 -10.59 12.02
CA ARG B 16 -6.13 -11.27 11.65
C ARG B 16 -5.75 -10.95 10.21
N ILE B 17 -6.72 -11.01 9.32
CA ILE B 17 -6.50 -10.67 7.92
C ILE B 17 -6.05 -9.22 7.79
N ALA B 18 -6.72 -8.31 8.51
CA ALA B 18 -6.37 -6.90 8.45
C ALA B 18 -4.93 -6.64 8.91
N GLY B 19 -4.50 -7.32 9.97
CA GLY B 19 -3.12 -7.17 10.41
C GLY B 19 -2.12 -7.63 9.36
N ASN B 20 -2.43 -8.75 8.71
CA ASN B 20 -1.56 -9.21 7.63
C ASN B 20 -1.52 -8.20 6.49
N PHE B 21 -2.63 -7.54 6.24
CA PHE B 21 -2.71 -6.53 5.18
C PHE B 21 -1.93 -5.27 5.59
N LYS B 22 -2.11 -4.81 6.83
CA LYS B 22 -1.30 -3.70 7.34
C LYS B 22 0.18 -4.00 7.14
N ASN B 23 0.59 -5.23 7.47
CA ASN B 23 1.99 -5.61 7.35
C ASN B 23 2.46 -5.60 5.90
N ALA B 24 1.63 -6.12 4.99
CA ALA B 24 1.99 -6.13 3.58
C ALA B 24 2.17 -4.71 3.05
N ALA B 25 1.30 -3.80 3.45
CA ALA B 25 1.40 -2.41 3.04
C ALA B 25 2.58 -1.72 3.69
N GLY B 26 2.83 -1.99 4.96
CA GLY B 26 3.96 -1.42 5.68
C GLY B 26 5.28 -1.83 5.09
N GLU B 27 5.38 -3.09 4.65
CA GLU B 27 6.58 -3.59 4.00
C GLU B 27 6.83 -2.88 2.67
N ALA B 28 5.77 -2.60 1.93
CA ALA B 28 5.93 -1.83 0.69
C ALA B 28 6.43 -0.42 0.99
N GLN B 29 5.89 0.21 2.02
CA GLN B 29 6.37 1.53 2.44
C GLN B 29 7.84 1.47 2.84
N SER B 30 8.23 0.41 3.53
CA SER B 30 9.62 0.25 3.96
C SER B 30 10.56 0.16 2.75
N GLN B 31 10.16 -0.61 1.74
CA GLN B 31 11.02 -0.79 0.57
C GLN B 31 11.11 0.47 -0.30
N ILE B 32 10.02 1.22 -0.44
CA ILE B 32 10.14 2.48 -1.18
C ILE B 32 11.03 3.45 -0.40
N ASN B 33 10.98 3.42 0.92
CA ASN B 33 11.88 4.28 1.69
C ASN B 33 13.34 3.90 1.48
N ARG B 34 13.62 2.61 1.39
CA ARG B 34 14.98 2.14 1.12
C ARG B 34 15.43 2.65 -0.23
N LEU B 35 14.60 2.43 -1.25
CA LEU B 35 14.94 2.82 -2.61
C LEU B 35 15.10 4.33 -2.72
N GLU B 36 14.18 5.08 -2.12
CA GLU B 36 14.27 6.54 -2.15
C GLU B 36 15.53 7.06 -1.46
N GLY B 37 15.94 6.41 -0.38
CA GLY B 37 17.19 6.78 0.27
C GLY B 37 18.37 6.59 -0.65
N ASP B 38 18.37 5.50 -1.41
CA ASP B 38 19.42 5.21 -2.37
C ASP B 38 19.45 6.29 -3.46
N ILE B 39 18.27 6.64 -3.96
CA ILE B 39 18.15 7.69 -4.97
C ILE B 39 18.69 9.03 -4.46
N ASN B 40 18.25 9.42 -3.27
CA ASN B 40 18.65 10.69 -2.69
C ASN B 40 20.15 10.76 -2.53
N SER B 41 20.76 9.63 -2.14
CA SER B 41 22.19 9.56 -1.88
CA SER B 41 22.19 9.59 -1.87
C SER B 41 23.03 9.79 -3.13
N LEU B 42 22.44 9.58 -4.30
CA LEU B 42 23.12 9.78 -5.57
C LEU B 42 23.21 11.22 -6.01
N GLU B 43 22.36 12.08 -5.45
CA GLU B 43 22.24 13.43 -5.99
C GLU B 43 23.52 14.25 -5.95
N GLY B 44 24.25 14.19 -4.83
CA GLY B 44 25.45 14.97 -4.68
C GLY B 44 26.56 14.61 -5.66
N GLN B 45 26.62 13.34 -6.05
CA GLN B 45 27.69 12.91 -6.94
C GLN B 45 27.26 12.84 -8.40
N TRP B 46 26.01 13.19 -8.68
CA TRP B 46 25.43 12.95 -10.02
C TRP B 46 26.17 13.64 -11.17
N ALA B 47 26.53 14.90 -10.99
CA ALA B 47 27.19 15.63 -12.07
C ALA B 47 28.51 14.98 -12.50
N GLY B 48 29.19 14.34 -11.56
CA GLY B 48 30.50 13.75 -11.86
C GLY B 48 30.46 12.27 -12.14
N ALA B 49 29.27 11.68 -12.14
CA ALA B 49 29.12 10.25 -12.35
C ALA B 49 29.21 9.88 -13.83
N THR B 50 29.56 8.64 -14.13
CA THR B 50 29.39 8.12 -15.48
C THR B 50 27.92 7.75 -15.53
N GLN B 51 27.10 8.69 -15.98
CA GLN B 51 25.67 8.56 -15.84
C GLN B 51 25.10 7.41 -16.65
N ALA B 52 25.77 7.05 -17.74
CA ALA B 52 25.33 5.95 -18.58
C ALA B 52 25.26 4.63 -17.82
N LYS B 53 26.10 4.46 -16.81
CA LYS B 53 26.09 3.23 -16.01
C LYS B 53 24.85 3.10 -15.13
N PHE B 54 24.14 4.20 -14.95
CA PHE B 54 22.93 4.20 -14.11
C PHE B 54 21.65 4.09 -14.91
N ARG B 55 21.75 4.22 -16.22
CA ARG B 55 20.55 4.34 -17.06
C ARG B 55 19.59 3.17 -16.91
N GLY B 56 20.10 1.94 -16.95
CA GLY B 56 19.25 0.77 -16.87
C GLY B 56 18.50 0.70 -15.56
N GLU B 57 19.21 0.91 -14.45
CA GLU B 57 18.56 0.82 -13.15
C GLU B 57 17.59 1.99 -12.92
N PHE B 58 17.90 3.15 -13.52
CA PHE B 58 16.98 4.28 -13.43
C PHE B 58 15.69 3.99 -14.19
N ILE B 59 15.81 3.44 -15.40
CA ILE B 59 14.63 3.12 -16.19
C ILE B 59 13.77 2.06 -15.48
N GLN B 60 14.44 1.03 -14.95
CA GLN B 60 13.73 -0.03 -14.25
C GLN B 60 13.01 0.49 -13.00
N SER B 61 13.70 1.31 -12.21
CA SER B 61 13.10 1.82 -10.98
CA SER B 61 13.14 1.89 -10.98
C SER B 61 11.98 2.81 -11.28
N LYS B 62 12.16 3.68 -12.27
CA LYS B 62 11.09 4.58 -12.69
C LYS B 62 9.84 3.79 -13.08
N GLN B 63 10.03 2.74 -13.87
CA GLN B 63 8.92 1.90 -14.31
C GLN B 63 8.21 1.24 -13.13
N ALA B 64 8.99 0.64 -12.22
CA ALA B 64 8.42 -0.03 -11.06
C ALA B 64 7.57 0.94 -10.24
N MET B 65 8.12 2.10 -9.92
CA MET B 65 7.42 3.04 -9.05
C MET B 65 6.18 3.58 -9.75
N GLN B 66 6.31 4.00 -11.01
CA GLN B 66 5.18 4.60 -11.72
C GLN B 66 4.08 3.60 -11.94
N GLN B 67 4.43 2.38 -12.32
CA GLN B 67 3.40 1.43 -12.73
C GLN B 67 2.50 1.03 -11.57
N PHE B 68 3.06 1.03 -10.36
CA PHE B 68 2.29 0.59 -9.21
C PHE B 68 1.39 1.66 -8.63
N ILE B 69 1.62 2.93 -8.96
CA ILE B 69 0.79 3.99 -8.41
C ILE B 69 -0.71 3.79 -8.72
N PRO B 70 -1.09 3.56 -9.99
CA PRO B 70 -2.55 3.39 -10.22
C PRO B 70 -3.10 2.11 -9.62
N ILE B 71 -2.25 1.10 -9.42
CA ILE B 71 -2.70 -0.13 -8.78
C ILE B 71 -2.98 0.12 -7.29
N LEU B 72 -2.08 0.82 -6.63
CA LEU B 72 -2.27 1.21 -5.24
C LEU B 72 -3.49 2.12 -5.09
N GLU B 73 -3.69 3.03 -6.03
CA GLU B 73 -4.86 3.90 -6.01
C GLU B 73 -6.16 3.11 -6.18
N GLY B 74 -6.13 2.08 -7.00
CA GLY B 74 -7.30 1.21 -7.17
C GLY B 74 -7.60 0.50 -5.87
N ILE B 75 -6.57 -0.02 -5.22
CA ILE B 75 -6.72 -0.68 -3.92
C ILE B 75 -7.25 0.28 -2.87
N SER B 76 -6.69 1.48 -2.78
CA SER B 76 -7.12 2.42 -1.76
C SER B 76 -8.57 2.87 -2.00
N THR B 77 -8.93 3.13 -3.25
CA THR B 77 -10.31 3.48 -3.58
C THR B 77 -11.29 2.33 -3.25
N ASP B 78 -10.88 1.11 -3.57
CA ASP B 78 -11.70 -0.06 -3.29
C ASP B 78 -11.98 -0.16 -1.79
N LEU B 79 -10.94 0.04 -0.98
CA LEU B 79 -11.09 -0.04 0.48
C LEU B 79 -11.92 1.11 1.02
N LYS B 80 -11.71 2.30 0.48
CA LYS B 80 -12.47 3.48 0.87
C LYS B 80 -13.97 3.25 0.67
N ARG B 81 -14.33 2.61 -0.45
CA ARG B 81 -15.73 2.35 -0.73
C ARG B 81 -16.36 1.44 0.30
N ILE B 82 -15.61 0.44 0.78
CA ILE B 82 -16.12 -0.45 1.81
C ILE B 82 -16.26 0.30 3.14
N ALA B 83 -15.23 1.06 3.50
CA ALA B 83 -15.29 1.86 4.72
C ALA B 83 -16.42 2.90 4.68
N ASP B 84 -16.67 3.48 3.51
CA ASP B 84 -17.78 4.42 3.35
C ASP B 84 -19.13 3.74 3.55
N LYS B 85 -19.29 2.54 2.98
CA LYS B 85 -20.52 1.77 3.15
C LYS B 85 -20.73 1.44 4.62
N PHE B 86 -19.63 1.15 5.31
CA PHE B 86 -19.69 0.90 6.74
CA PHE B 86 -19.66 0.91 6.75
C PHE B 86 -20.30 2.10 7.46
N ARG B 87 -19.78 3.28 7.16
CA ARG B 87 -20.27 4.53 7.73
C ARG B 87 -21.75 4.75 7.41
N ASN B 88 -22.11 4.58 6.14
CA ASN B 88 -23.49 4.76 5.71
C ASN B 88 -24.46 3.79 6.36
N THR B 89 -24.04 2.53 6.47
CA THR B 89 -24.85 1.49 7.10
C THR B 89 -25.05 1.81 8.57
N ASP B 90 -23.96 2.20 9.22
CA ASP B 90 -23.97 2.50 10.65
C ASP B 90 -24.83 3.73 10.96
N ASN B 91 -24.89 4.66 10.01
CA ASN B 91 -25.65 5.90 10.21
C ASN B 91 -27.13 5.78 9.90
N ALA B 92 -27.50 4.75 9.14
CA ALA B 92 -28.89 4.54 8.75
C ALA B 92 -29.78 4.25 9.96
CAC FLC C . 6.37 14.36 -10.77
CA FLC C . 6.98 13.17 -11.42
CB FLC C . 7.29 13.35 -12.88
CBC FLC C . 8.29 14.45 -13.05
CG FLC C . 7.86 12.08 -13.39
CGC FLC C . 7.92 12.03 -14.88
OA1 FLC C . 6.92 15.50 -10.81
OA2 FLC C . 5.28 14.25 -10.14
OB1 FLC C . 7.97 15.52 -13.64
OB2 FLC C . 9.46 14.29 -12.62
OG1 FLC C . 7.29 11.15 -15.51
OG2 FLC C . 8.62 12.87 -15.52
OHB FLC C . 6.14 13.65 -13.58
C FMT D . -6.54 7.51 1.58
O1 FMT D . -7.39 7.38 0.70
O2 FMT D . -5.80 8.49 1.68
C FMT E . 1.93 -9.66 4.65
O1 FMT E . 1.46 -10.06 5.72
O2 FMT E . 3.09 -9.82 4.28
C FMT F . 20.91 4.94 1.08
O1 FMT F . 22.14 4.79 1.04
O2 FMT F . 20.29 5.21 2.12
#